data_4AVO
#
_entry.id   4AVO
#
_cell.length_a   42.680
_cell.length_b   92.210
_cell.length_c   49.620
_cell.angle_alpha   90.00
_cell.angle_beta   111.92
_cell.angle_gamma   90.00
#
_symmetry.space_group_name_H-M   'P 1 21 1'
#
loop_
_entity.id
_entity.type
_entity.pdbx_description
1 polymer BETA-1,4-EXOCELLULASE
2 branched beta-D-glucopyranose-(1-4)-beta-D-glucopyranose-(1-4)-beta-D-glucopyranose-(1-4)-beta-D-glucopyranose-(1-4)-beta-D-glucopyranose-(1-4)-beta-D-glucopyranose
3 non-polymer 'CALCIUM ION'
4 non-polymer 'ACETATE ION'
5 water water
#
_entity_poly.entity_id   1
_entity_poly.type   'polypeptide(L)'
_entity_poly.pdbx_seq_one_letter_code
;EKVDNPFEGAKLYVNPVWSAKAAAEPGGSAVANESTAVWLDRIGAIEGNDSPTTGSMGLRDHLEEAVRQSGGDPLTIQVV
IYNLPGRDCAALASNGELGPDELDRYKSEYIDPIADIMWDFADYENLRIVAIIEIASLPNLVTNVGGNGGTELCAYMKQN
GGYVNGVGYALRKLGEIPNVYNYIDAAHHGWIGWDSNFGPSVDIFYEAANASGSTVDYVHGFISNTANYSATVEPYLDVN
GTVNGQLIRQSKWVDWNQYVDELSFVQDLRQALIAKGFRSDIGMLIDTSRNGWGGPNRPTGPSSSTDLNTYVDESRIDRR
IHPGNWCNQAGAGLGERPTVNPAPGVDAYVWVKPPGESDGASEEIPNDEGKGFDRMCDPTYQGNARNGNNPSGALPNAPI
SGHWFSAQFRELLANAYPPL
;
_entity_poly.pdbx_strand_id   A
#
loop_
_chem_comp.id
_chem_comp.type
_chem_comp.name
_chem_comp.formula
ACT non-polymer 'ACETATE ION' 'C2 H3 O2 -1'
BGC D-saccharide, beta linking beta-D-glucopyranose 'C6 H12 O6'
CA non-polymer 'CALCIUM ION' 'Ca 2'
#
# COMPACT_ATOMS: atom_id res chain seq x y z
N GLU A 1 -16.14 20.67 5.62
CA GLU A 1 -15.14 21.78 5.70
C GLU A 1 -13.74 21.36 5.28
N LYS A 2 -13.42 20.08 5.46
CA LYS A 2 -12.18 19.52 4.92
C LYS A 2 -12.26 19.58 3.40
N VAL A 3 -11.13 19.83 2.74
CA VAL A 3 -11.14 19.92 1.28
C VAL A 3 -11.53 18.60 0.63
N ASP A 4 -12.12 18.69 -0.56
CA ASP A 4 -12.56 17.51 -1.31
C ASP A 4 -11.38 16.56 -1.53
N ASN A 5 -10.26 17.11 -1.99
CA ASN A 5 -9.07 16.33 -2.30
C ASN A 5 -7.88 17.03 -1.66
N PRO A 6 -7.31 16.43 -0.59
CA PRO A 6 -6.20 17.07 0.11
C PRO A 6 -4.90 17.24 -0.70
N PHE A 7 -4.76 16.50 -1.78
CA PHE A 7 -3.59 16.64 -2.65
C PHE A 7 -3.71 17.83 -3.59
N GLU A 8 -4.95 18.29 -3.78
CA GLU A 8 -5.27 19.36 -4.72
C GLU A 8 -4.77 20.71 -4.21
N GLY A 9 -3.98 21.39 -5.05
CA GLY A 9 -3.44 22.72 -4.73
C GLY A 9 -2.38 22.74 -3.64
N ALA A 10 -1.81 21.58 -3.35
CA ALA A 10 -0.87 21.46 -2.23
C ALA A 10 0.54 21.07 -2.67
N LYS A 11 1.53 21.65 -1.98
CA LYS A 11 2.90 21.14 -2.02
C LYS A 11 2.89 19.78 -1.35
N LEU A 12 3.82 18.91 -1.73
CA LEU A 12 3.90 17.58 -1.16
C LEU A 12 5.15 17.42 -0.30
N TYR A 13 4.98 16.85 0.88
CA TYR A 13 6.06 16.63 1.83
C TYR A 13 7.22 15.82 1.24
N VAL A 14 8.44 16.30 1.43
CA VAL A 14 9.62 15.49 1.14
C VAL A 14 10.19 15.04 2.47
N ASN A 15 10.23 13.73 2.66
CA ASN A 15 10.78 13.12 3.85
C ASN A 15 12.31 13.16 3.80
N PRO A 16 12.94 13.96 4.68
CA PRO A 16 14.39 14.09 4.64
C PRO A 16 15.14 12.80 4.91
N VAL A 17 14.55 11.92 5.72
CA VAL A 17 15.18 10.63 6.05
C VAL A 17 15.31 9.77 4.79
N TRP A 18 14.21 9.65 4.04
CA TRP A 18 14.18 8.91 2.78
C TRP A 18 15.02 9.60 1.70
N SER A 19 14.87 10.92 1.61
CA SER A 19 15.61 11.72 0.61
C SER A 19 17.11 11.47 0.67
N ALA A 20 17.66 11.41 1.89
CA ALA A 20 19.09 11.20 2.07
C ALA A 20 19.51 9.81 1.62
N LYS A 21 18.66 8.82 1.87
CA LYS A 21 18.94 7.45 1.46
CA LYS A 21 18.94 7.44 1.47
C LYS A 21 18.90 7.30 -0.05
N ALA A 22 17.93 7.93 -0.69
CA ALA A 22 17.82 7.92 -2.16
C ALA A 22 19.02 8.62 -2.80
N ALA A 23 19.38 9.79 -2.28
CA ALA A 23 20.45 10.61 -2.85
C ALA A 23 21.83 9.96 -2.75
N ALA A 24 21.99 9.04 -1.80
CA ALA A 24 23.26 8.34 -1.60
C ALA A 24 23.49 7.21 -2.60
N GLU A 25 22.44 6.86 -3.35
CA GLU A 25 22.54 5.84 -4.40
C GLU A 25 22.94 6.47 -5.73
N PRO A 26 23.70 5.71 -6.57
CA PRO A 26 24.07 6.21 -7.89
C PRO A 26 22.84 6.53 -8.71
N GLY A 27 22.73 7.80 -9.13
CA GLY A 27 21.58 8.28 -9.91
C GLY A 27 20.36 8.60 -9.07
N GLY A 28 20.45 8.34 -7.78
CA GLY A 28 19.33 8.53 -6.85
C GLY A 28 18.83 9.95 -6.68
N SER A 29 19.70 10.93 -6.94
CA SER A 29 19.33 12.34 -6.85
CA SER A 29 19.32 12.34 -6.84
C SER A 29 18.15 12.68 -7.75
N ALA A 30 17.98 11.91 -8.83
CA ALA A 30 16.89 12.10 -9.78
C ALA A 30 15.49 11.97 -9.15
N VAL A 31 15.38 11.23 -8.05
CA VAL A 31 14.09 11.03 -7.37
C VAL A 31 14.11 11.45 -5.90
N ALA A 32 15.25 11.95 -5.42
CA ALA A 32 15.44 12.29 -4.00
C ALA A 32 14.49 13.39 -3.50
N ASN A 33 13.93 14.18 -4.41
CA ASN A 33 13.00 15.25 -4.04
C ASN A 33 11.52 14.89 -4.26
N GLU A 34 11.24 13.62 -4.50
CA GLU A 34 9.86 13.13 -4.60
C GLU A 34 9.25 12.92 -3.22
N SER A 35 7.92 13.05 -3.15
CA SER A 35 7.19 12.89 -1.91
C SER A 35 6.89 11.42 -1.62
N THR A 36 7.25 10.98 -0.43
CA THR A 36 6.96 9.64 0.05
C THR A 36 6.26 9.70 1.41
N ALA A 37 5.43 8.71 1.69
CA ALA A 37 4.72 8.63 2.97
C ALA A 37 5.65 8.24 4.12
N VAL A 38 5.32 8.74 5.30
CA VAL A 38 6.08 8.44 6.51
CA VAL A 38 6.10 8.40 6.49
C VAL A 38 5.35 7.36 7.31
N TRP A 39 6.02 6.25 7.57
CA TRP A 39 5.37 5.11 8.22
C TRP A 39 5.62 5.12 9.72
N LEU A 40 4.55 4.96 10.48
CA LEU A 40 4.65 4.80 11.92
C LEU A 40 4.50 3.31 12.23
N ASP A 41 5.59 2.56 12.05
CA ASP A 41 5.55 1.10 12.08
C ASP A 41 5.71 0.50 13.48
N ARG A 42 5.94 1.36 14.47
CA ARG A 42 6.13 0.95 15.86
C ARG A 42 5.70 2.08 16.77
N ILE A 43 5.40 1.76 18.02
CA ILE A 43 5.16 2.80 19.02
C ILE A 43 6.36 3.73 19.12
N GLY A 44 7.56 3.15 19.09
CA GLY A 44 8.81 3.93 19.12
C GLY A 44 8.97 4.96 18.01
N ALA A 45 8.30 4.74 16.88
CA ALA A 45 8.37 5.67 15.75
C ALA A 45 7.62 6.98 16.03
N ILE A 46 6.77 6.97 17.06
CA ILE A 46 5.98 8.15 17.40
C ILE A 46 6.88 9.25 17.96
N GLU A 47 7.68 8.92 18.98
CA GLU A 47 8.66 9.87 19.53
C GLU A 47 9.96 9.91 18.72
N GLY A 48 10.22 8.83 17.99
CA GLY A 48 11.49 8.69 17.27
C GLY A 48 12.32 7.65 18.01
N ASN A 49 12.83 6.67 17.27
CA ASN A 49 13.51 5.54 17.89
C ASN A 49 14.86 5.20 17.23
N ASP A 50 15.29 6.05 16.30
CA ASP A 50 16.56 5.89 15.56
C ASP A 50 16.70 4.50 14.93
N SER A 51 15.58 3.97 14.45
CA SER A 51 15.55 2.62 13.90
C SER A 51 15.97 2.60 12.43
N PRO A 52 16.29 1.41 11.90
CA PRO A 52 16.61 1.26 10.48
C PRO A 52 15.46 1.65 9.56
N THR A 53 14.21 1.56 10.06
CA THR A 53 13.03 1.81 9.23
C THR A 53 12.50 3.25 9.30
N THR A 54 12.73 3.93 10.43
CA THR A 54 12.17 5.27 10.61
C THR A 54 13.21 6.34 10.96
N GLY A 55 14.45 5.93 11.19
CA GLY A 55 15.54 6.87 11.46
C GLY A 55 15.31 7.75 12.68
N SER A 56 15.81 8.98 12.60
CA SER A 56 15.91 9.86 13.77
C SER A 56 14.74 10.85 13.98
N MET A 57 13.72 10.77 13.12
CA MET A 57 12.59 11.69 13.19
CA MET A 57 12.59 11.69 13.19
C MET A 57 11.34 11.02 13.73
N GLY A 58 10.77 11.59 14.79
CA GLY A 58 9.49 11.15 15.32
C GLY A 58 8.37 11.86 14.57
N LEU A 59 7.13 11.59 14.94
CA LEU A 59 5.98 12.18 14.25
C LEU A 59 6.00 13.71 14.34
N ARG A 60 6.25 14.23 15.53
CA ARG A 60 6.32 15.69 15.73
C ARG A 60 7.41 16.30 14.85
N ASP A 61 8.58 15.66 14.80
CA ASP A 61 9.68 16.11 13.92
C ASP A 61 9.23 16.25 12.46
N HIS A 62 8.52 15.24 11.97
CA HIS A 62 7.98 15.25 10.61
C HIS A 62 6.96 16.34 10.36
N LEU A 63 6.04 16.52 11.31
CA LEU A 63 5.02 17.54 11.17
C LEU A 63 5.63 18.94 11.25
N GLU A 64 6.62 19.13 12.12
CA GLU A 64 7.35 20.41 12.17
C GLU A 64 8.10 20.68 10.86
N GLU A 65 8.69 19.64 10.30
CA GLU A 65 9.37 19.74 9.01
C GLU A 65 8.37 20.02 7.89
N ALA A 66 7.19 19.41 7.97
CA ALA A 66 6.12 19.68 7.00
C ALA A 66 5.67 21.14 7.03
N VAL A 67 5.45 21.67 8.24
CA VAL A 67 5.12 23.09 8.44
C VAL A 67 6.21 23.99 7.83
N ARG A 68 7.47 23.65 8.09
CA ARG A 68 8.61 24.40 7.54
C ARG A 68 8.61 24.39 6.02
N GLN A 69 8.45 23.20 5.43
CA GLN A 69 8.42 23.06 3.98
C GLN A 69 7.25 23.78 3.32
N SER A 70 6.15 23.94 4.07
CA SER A 70 4.94 24.56 3.50
C SER A 70 5.13 26.03 3.14
N GLY A 71 5.97 26.74 3.90
CA GLY A 71 6.15 28.19 3.75
C GLY A 71 4.88 28.97 4.06
N GLY A 72 3.93 28.31 4.72
CA GLY A 72 2.63 28.90 5.04
C GLY A 72 1.54 28.58 4.02
N ASP A 73 1.93 28.01 2.89
CA ASP A 73 1.00 27.59 1.84
C ASP A 73 0.54 26.15 2.07
N PRO A 74 -0.55 25.72 1.38
CA PRO A 74 -1.03 24.34 1.53
C PRO A 74 0.05 23.30 1.26
N LEU A 75 0.17 22.34 2.18
CA LEU A 75 1.10 21.24 2.02
C LEU A 75 0.49 19.98 2.61
N THR A 76 0.74 18.87 1.92
CA THR A 76 0.19 17.59 2.32
C THR A 76 1.29 16.60 2.66
N ILE A 77 1.20 16.05 3.87
CA ILE A 77 2.07 14.97 4.31
C ILE A 77 1.23 13.70 4.46
N GLN A 78 1.78 12.57 4.03
CA GLN A 78 1.14 11.27 4.20
C GLN A 78 1.79 10.51 5.35
N VAL A 79 0.96 10.03 6.27
CA VAL A 79 1.42 9.29 7.43
C VAL A 79 0.72 7.95 7.44
N VAL A 80 1.50 6.86 7.51
CA VAL A 80 0.92 5.52 7.47
C VAL A 80 0.76 4.97 8.89
N ILE A 81 -0.48 4.64 9.21
CA ILE A 81 -0.83 4.06 10.50
C ILE A 81 -0.72 2.56 10.29
N TYR A 82 0.25 1.94 10.95
CA TYR A 82 0.62 0.57 10.63
C TYR A 82 1.17 -0.17 11.85
N ASN A 83 0.29 -0.48 12.80
CA ASN A 83 0.71 -1.20 14.00
C ASN A 83 -0.40 -1.97 14.69
N LEU A 84 -1.34 -2.52 13.93
CA LEU A 84 -2.45 -3.26 14.52
C LEU A 84 -1.97 -4.44 15.35
N PRO A 85 -2.75 -4.82 16.36
CA PRO A 85 -2.52 -6.11 17.01
C PRO A 85 -2.57 -7.20 15.94
N GLY A 86 -1.62 -8.13 15.96
CA GLY A 86 -1.58 -9.24 15.00
C GLY A 86 -1.42 -8.75 13.57
N ARG A 87 -0.66 -7.67 13.39
CA ARG A 87 -0.44 -7.06 12.09
C ARG A 87 0.12 -8.05 11.07
N ASP A 88 -0.34 -7.93 9.82
CA ASP A 88 0.20 -8.73 8.71
C ASP A 88 -0.07 -10.21 8.94
N CYS A 89 -1.33 -10.54 9.25
CA CYS A 89 -1.66 -11.88 9.76
C CYS A 89 -1.45 -13.05 8.78
N ALA A 90 -1.42 -12.77 7.48
CA ALA A 90 -1.24 -13.83 6.48
C ALA A 90 0.21 -13.99 6.04
N ALA A 91 1.11 -13.30 6.71
CA ALA A 91 2.52 -13.32 6.38
C ALA A 91 3.38 -13.25 7.64
N LEU A 92 4.69 -13.24 7.45
CA LEU A 92 5.63 -13.17 8.58
C LEU A 92 6.53 -11.94 8.51
N ALA A 93 6.77 -11.43 7.29
CA ALA A 93 7.81 -10.43 7.04
C ALA A 93 7.56 -9.08 7.74
N SER A 94 6.30 -8.74 7.96
CA SER A 94 5.95 -7.51 8.67
C SER A 94 4.97 -7.73 9.81
N ASN A 95 5.06 -8.88 10.47
CA ASN A 95 4.48 -9.03 11.79
C ASN A 95 5.08 -7.95 12.68
N GLY A 96 4.40 -7.57 13.75
CA GLY A 96 4.86 -6.44 14.54
C GLY A 96 4.97 -6.68 16.03
N GLU A 97 5.07 -5.58 16.77
CA GLU A 97 5.33 -5.63 18.19
C GLU A 97 4.08 -5.92 19.02
N LEU A 98 2.90 -5.60 18.46
CA LEU A 98 1.65 -5.82 19.18
C LEU A 98 1.03 -7.15 18.76
N GLY A 99 0.85 -8.04 19.72
CA GLY A 99 0.27 -9.35 19.47
C GLY A 99 -1.24 -9.27 19.28
N PRO A 100 -1.85 -10.40 18.89
CA PRO A 100 -3.27 -10.46 18.55
C PRO A 100 -4.22 -9.97 19.64
N ASP A 101 -3.79 -10.09 20.90
CA ASP A 101 -4.65 -9.73 22.04
C ASP A 101 -4.41 -8.32 22.59
N GLU A 102 -3.65 -7.52 21.86
CA GLU A 102 -3.20 -6.22 22.39
C GLU A 102 -3.91 -4.98 21.80
N LEU A 103 -5.19 -5.11 21.44
CA LEU A 103 -5.98 -3.98 20.98
C LEU A 103 -6.00 -2.80 21.97
N ASP A 104 -6.06 -3.11 23.26
CA ASP A 104 -6.06 -2.05 24.28
C ASP A 104 -4.79 -1.20 24.21
N ARG A 105 -3.64 -1.85 24.03
CA ARG A 105 -2.35 -1.16 23.89
C ARG A 105 -2.26 -0.37 22.58
N TYR A 106 -2.81 -0.94 21.50
CA TYR A 106 -2.93 -0.22 20.23
C TYR A 106 -3.66 1.10 20.43
N LYS A 107 -4.77 1.06 21.17
CA LYS A 107 -5.57 2.25 21.41
C LYS A 107 -4.83 3.29 22.26
N SER A 108 -4.30 2.85 23.40
CA SER A 108 -3.80 3.78 24.42
CA SER A 108 -3.80 3.77 24.44
C SER A 108 -2.37 4.23 24.22
N GLU A 109 -1.53 3.34 23.67
CA GLU A 109 -0.10 3.62 23.51
C GLU A 109 0.34 3.86 22.07
N TYR A 110 -0.55 3.65 21.12
CA TYR A 110 -0.22 3.93 19.72
C TYR A 110 -1.14 5.01 19.12
N ILE A 111 -2.43 4.70 18.95
CA ILE A 111 -3.36 5.68 18.36
C ILE A 111 -3.48 6.96 19.19
N ASP A 112 -3.66 6.82 20.51
CA ASP A 112 -3.87 7.99 21.36
C ASP A 112 -2.71 9.01 21.31
N PRO A 113 -1.44 8.55 21.45
CA PRO A 113 -0.36 9.53 21.33
C PRO A 113 -0.21 10.14 19.92
N ILE A 114 -0.47 9.35 18.87
CA ILE A 114 -0.49 9.89 17.51
C ILE A 114 -1.54 11.01 17.39
N ALA A 115 -2.75 10.75 17.89
CA ALA A 115 -3.82 11.75 17.87
C ALA A 115 -3.44 13.01 18.65
N ASP A 116 -2.83 12.82 19.82
CA ASP A 116 -2.39 13.93 20.67
CA ASP A 116 -2.38 13.91 20.68
C ASP A 116 -1.41 14.83 19.95
N ILE A 117 -0.45 14.24 19.25
CA ILE A 117 0.53 15.00 18.49
C ILE A 117 -0.12 15.73 17.31
N MET A 118 -0.97 15.03 16.56
CA MET A 118 -1.62 15.66 15.41
C MET A 118 -2.52 16.82 15.83
N TRP A 119 -3.19 16.67 16.98
CA TRP A 119 -4.00 17.77 17.54
C TRP A 119 -3.20 19.05 17.72
N ASP A 120 -1.93 18.92 18.09
CA ASP A 120 -1.04 20.06 18.31
C ASP A 120 -0.77 20.87 17.04
N PHE A 121 -1.05 20.28 15.89
CA PHE A 121 -0.83 20.96 14.61
C PHE A 121 -2.14 21.43 13.97
N ALA A 122 -3.24 21.30 14.72
CA ALA A 122 -4.55 21.72 14.22
C ALA A 122 -4.62 23.21 13.95
N ASP A 123 -3.73 23.98 14.60
CA ASP A 123 -3.67 25.42 14.41
C ASP A 123 -2.93 25.88 13.14
N TYR A 124 -2.37 24.91 12.40
CA TYR A 124 -1.82 25.18 11.07
C TYR A 124 -2.86 24.83 10.00
N GLU A 125 -3.62 25.84 9.61
CA GLU A 125 -4.74 25.68 8.66
C GLU A 125 -4.34 25.15 7.29
N ASN A 126 -3.09 25.39 6.91
CA ASN A 126 -2.65 24.95 5.58
CA ASN A 126 -2.53 25.01 5.60
C ASN A 126 -1.94 23.59 5.55
N LEU A 127 -1.70 23.02 6.74
CA LEU A 127 -1.13 21.67 6.80
C LEU A 127 -2.24 20.63 6.66
N ARG A 128 -2.06 19.70 5.73
CA ARG A 128 -3.01 18.60 5.56
C ARG A 128 -2.29 17.29 5.82
N ILE A 129 -2.86 16.49 6.72
CA ILE A 129 -2.27 15.21 7.07
C ILE A 129 -3.13 14.11 6.47
N VAL A 130 -2.57 13.38 5.52
CA VAL A 130 -3.28 12.25 4.95
C VAL A 130 -2.87 11.03 5.76
N ALA A 131 -3.84 10.45 6.47
CA ALA A 131 -3.57 9.26 7.28
C ALA A 131 -3.99 8.03 6.50
N ILE A 132 -3.01 7.21 6.15
CA ILE A 132 -3.24 5.94 5.45
CA ILE A 132 -3.26 5.95 5.45
C ILE A 132 -3.44 4.85 6.48
N ILE A 133 -4.63 4.27 6.52
CA ILE A 133 -4.99 3.37 7.63
C ILE A 133 -4.76 1.87 7.38
N GLU A 134 -3.73 1.35 8.04
CA GLU A 134 -3.50 -0.09 8.24
C GLU A 134 -3.49 -0.98 6.99
N ILE A 135 -2.37 -0.93 6.29
CA ILE A 135 -2.11 -1.72 5.10
C ILE A 135 -2.22 -3.21 5.38
N ALA A 136 -2.77 -3.96 4.43
CA ALA A 136 -2.84 -5.42 4.51
C ALA A 136 -3.47 -5.92 5.81
N SER A 137 -4.58 -5.31 6.19
CA SER A 137 -5.31 -5.73 7.38
C SER A 137 -6.66 -6.34 7.00
N LEU A 138 -7.66 -5.50 6.81
CA LEU A 138 -9.03 -5.96 6.55
C LEU A 138 -9.19 -7.00 5.44
N PRO A 139 -8.50 -6.82 4.29
CA PRO A 139 -8.63 -7.80 3.20
C PRO A 139 -8.22 -9.23 3.58
N ASN A 140 -7.32 -9.37 4.56
CA ASN A 140 -6.94 -10.69 5.08
C ASN A 140 -8.09 -11.43 5.76
N LEU A 141 -9.04 -10.68 6.32
CA LEU A 141 -10.18 -11.28 7.00
C LEU A 141 -11.16 -11.88 6.00
N VAL A 142 -11.05 -11.46 4.74
CA VAL A 142 -11.83 -12.02 3.63
C VAL A 142 -11.12 -13.24 3.01
N THR A 143 -9.83 -13.11 2.77
CA THR A 143 -9.10 -14.07 1.92
C THR A 143 -8.27 -15.12 2.67
N ASN A 144 -8.06 -14.90 3.97
CA ASN A 144 -7.19 -15.78 4.75
C ASN A 144 -7.80 -16.32 6.05
N VAL A 145 -9.13 -16.36 6.06
CA VAL A 145 -9.90 -16.92 7.17
C VAL A 145 -10.69 -18.12 6.68
N GLY A 146 -10.56 -19.24 7.39
CA GLY A 146 -11.29 -20.46 7.04
C GLY A 146 -10.89 -21.01 5.68
N GLY A 147 -11.80 -21.77 5.07
CA GLY A 147 -11.56 -22.40 3.77
C GLY A 147 -10.29 -23.23 3.81
N ASN A 148 -9.49 -23.11 2.76
CA ASN A 148 -8.14 -23.69 2.75
C ASN A 148 -7.11 -22.63 2.41
N GLY A 149 -5.95 -22.73 3.04
CA GLY A 149 -4.81 -21.90 2.70
C GLY A 149 -4.66 -20.60 3.47
N GLY A 150 -5.56 -20.37 4.42
CA GLY A 150 -5.52 -19.17 5.25
C GLY A 150 -4.63 -19.36 6.45
N THR A 151 -4.77 -18.51 7.46
CA THR A 151 -3.99 -18.65 8.69
C THR A 151 -4.86 -18.59 9.94
N GLU A 152 -4.40 -19.27 10.99
CA GLU A 152 -5.05 -19.22 12.30
C GLU A 152 -5.05 -17.81 12.88
N LEU A 153 -3.96 -17.06 12.67
CA LEU A 153 -3.88 -15.68 13.18
C LEU A 153 -4.97 -14.79 12.57
N CYS A 154 -5.19 -14.88 11.26
CA CYS A 154 -6.24 -14.09 10.61
C CYS A 154 -7.62 -14.48 11.10
N ALA A 155 -7.84 -15.79 11.28
CA ALA A 155 -9.12 -16.27 11.81
C ALA A 155 -9.37 -15.65 13.19
N TYR A 156 -8.34 -15.63 14.04
CA TYR A 156 -8.44 -15.07 15.37
C TYR A 156 -8.69 -13.57 15.34
N MET A 157 -8.05 -12.87 14.42
CA MET A 157 -8.25 -11.42 14.30
C MET A 157 -9.66 -11.08 13.83
N LYS A 158 -10.26 -11.95 13.02
CA LYS A 158 -11.67 -11.78 12.65
CA LYS A 158 -11.67 -11.78 12.65
C LYS A 158 -12.55 -12.06 13.87
N GLN A 159 -12.27 -13.18 14.54
CA GLN A 159 -13.05 -13.61 15.70
C GLN A 159 -13.06 -12.57 16.83
N ASN A 160 -11.89 -12.04 17.16
CA ASN A 160 -11.77 -11.13 18.30
C ASN A 160 -12.04 -9.65 17.98
N GLY A 161 -12.29 -9.35 16.71
CA GLY A 161 -12.62 -8.00 16.26
C GLY A 161 -11.46 -7.00 16.27
N GLY A 162 -10.25 -7.49 16.51
CA GLY A 162 -9.07 -6.63 16.65
C GLY A 162 -8.80 -5.72 15.46
N TYR A 163 -8.91 -6.26 14.26
CA TYR A 163 -8.67 -5.47 13.04
C TYR A 163 -9.80 -4.49 12.83
N VAL A 164 -11.03 -4.99 12.87
CA VAL A 164 -12.20 -4.15 12.64
C VAL A 164 -12.31 -3.01 13.66
N ASN A 165 -12.15 -3.33 14.95
CA ASN A 165 -12.26 -2.34 16.00
C ASN A 165 -11.06 -1.39 16.05
N GLY A 166 -9.88 -1.91 15.72
CA GLY A 166 -8.67 -1.10 15.68
C GLY A 166 -8.74 -0.07 14.57
N VAL A 167 -9.18 -0.49 13.38
CA VAL A 167 -9.34 0.42 12.26
C VAL A 167 -10.39 1.50 12.59
N GLY A 168 -11.55 1.08 13.09
CA GLY A 168 -12.60 2.03 13.48
C GLY A 168 -12.11 3.04 14.50
N TYR A 169 -11.32 2.57 15.47
CA TYR A 169 -10.76 3.45 16.49
C TYR A 169 -9.81 4.48 15.87
N ALA A 170 -8.94 4.04 14.97
CA ALA A 170 -8.05 4.94 14.25
C ALA A 170 -8.81 5.98 13.46
N LEU A 171 -9.84 5.52 12.74
CA LEU A 171 -10.67 6.41 11.93
C LEU A 171 -11.33 7.50 12.75
N ARG A 172 -11.90 7.14 13.91
CA ARG A 172 -12.54 8.14 14.77
C ARG A 172 -11.53 9.08 15.40
N LYS A 173 -10.49 8.53 16.02
CA LYS A 173 -9.51 9.34 16.74
C LYS A 173 -8.76 10.31 15.85
N LEU A 174 -8.43 9.87 14.64
CA LEU A 174 -7.69 10.73 13.72
C LEU A 174 -8.63 11.59 12.88
N GLY A 175 -9.78 11.02 12.50
CA GLY A 175 -10.73 11.71 11.63
C GLY A 175 -11.40 12.93 12.25
N GLU A 176 -11.43 12.98 13.58
CA GLU A 176 -12.04 14.12 14.27
C GLU A 176 -11.12 15.34 14.35
N ILE A 177 -9.87 15.16 13.93
CA ILE A 177 -8.88 16.25 13.86
C ILE A 177 -9.07 17.00 12.54
N PRO A 178 -9.16 18.34 12.57
CA PRO A 178 -9.66 19.11 11.41
C PRO A 178 -8.86 18.98 10.11
N ASN A 179 -7.57 18.74 10.20
CA ASN A 179 -6.76 18.68 9.00
C ASN A 179 -6.24 17.27 8.67
N VAL A 180 -6.89 16.27 9.25
CA VAL A 180 -6.58 14.86 8.99
C VAL A 180 -7.57 14.26 7.98
N TYR A 181 -7.02 13.58 6.98
CA TYR A 181 -7.78 12.98 5.89
C TYR A 181 -7.49 11.48 5.86
N ASN A 182 -8.47 10.67 6.28
CA ASN A 182 -8.26 9.22 6.37
C ASN A 182 -8.54 8.48 5.07
N TYR A 183 -7.61 7.63 4.66
CA TYR A 183 -7.83 6.71 3.55
C TYR A 183 -7.67 5.28 4.06
N ILE A 184 -8.68 4.45 3.82
CA ILE A 184 -8.64 3.04 4.20
C ILE A 184 -7.89 2.24 3.14
N ASP A 185 -7.01 1.35 3.57
CA ASP A 185 -6.30 0.50 2.61
C ASP A 185 -7.27 -0.50 1.99
N ALA A 186 -7.21 -0.63 0.66
CA ALA A 186 -8.15 -1.49 -0.06
C ALA A 186 -7.44 -2.53 -0.94
N ALA A 187 -6.34 -3.09 -0.42
CA ALA A 187 -5.60 -4.15 -1.10
C ALA A 187 -5.25 -3.74 -2.55
N HIS A 188 -5.38 -4.66 -3.49
CA HIS A 188 -5.17 -4.37 -4.91
C HIS A 188 -5.96 -5.37 -5.75
N HIS A 189 -6.01 -5.16 -7.07
CA HIS A 189 -6.86 -5.99 -7.93
C HIS A 189 -6.44 -7.46 -7.94
N GLY A 190 -5.14 -7.71 -7.77
CA GLY A 190 -4.61 -9.07 -7.73
C GLY A 190 -4.71 -9.70 -6.35
N TRP A 191 -5.49 -9.05 -5.48
CA TRP A 191 -5.82 -9.59 -4.17
C TRP A 191 -7.33 -9.82 -4.07
N ILE A 192 -8.11 -8.75 -4.28
CA ILE A 192 -9.56 -8.82 -4.08
C ILE A 192 -10.37 -8.51 -5.34
N GLY A 193 -9.73 -8.60 -6.50
CA GLY A 193 -10.40 -8.34 -7.77
C GLY A 193 -11.45 -9.38 -8.12
N TRP A 194 -11.24 -10.62 -7.67
CA TRP A 194 -12.16 -11.72 -7.92
C TRP A 194 -13.54 -11.51 -7.29
N ASP A 195 -14.56 -12.06 -7.95
CA ASP A 195 -15.95 -12.01 -7.48
CA ASP A 195 -15.94 -11.96 -7.47
C ASP A 195 -16.11 -12.49 -6.05
N SER A 196 -15.38 -13.53 -5.70
CA SER A 196 -15.46 -14.12 -4.36
C SER A 196 -14.96 -13.19 -3.27
N ASN A 197 -14.07 -12.27 -3.63
CA ASN A 197 -13.38 -11.39 -2.67
C ASN A 197 -13.87 -9.94 -2.64
N PHE A 198 -14.33 -9.45 -3.79
CA PHE A 198 -14.66 -8.04 -4.00
C PHE A 198 -15.77 -7.55 -3.05
N GLY A 199 -16.96 -8.15 -3.18
CA GLY A 199 -18.11 -7.80 -2.35
C GLY A 199 -17.90 -7.95 -0.86
N PRO A 200 -17.32 -9.09 -0.43
CA PRO A 200 -17.04 -9.23 1.00
C PRO A 200 -16.05 -8.21 1.55
N SER A 201 -15.08 -7.78 0.73
CA SER A 201 -14.17 -6.69 1.12
C SER A 201 -14.91 -5.37 1.32
N VAL A 202 -15.79 -5.03 0.38
CA VAL A 202 -16.64 -3.85 0.52
C VAL A 202 -17.39 -3.91 1.85
N ASP A 203 -17.94 -5.08 2.19
CA ASP A 203 -18.68 -5.26 3.44
C ASP A 203 -17.80 -5.07 4.67
N ILE A 204 -16.58 -5.60 4.64
CA ILE A 204 -15.69 -5.48 5.81
C ILE A 204 -15.17 -4.05 5.98
N PHE A 205 -14.97 -3.34 4.88
CA PHE A 205 -14.59 -1.93 4.95
C PHE A 205 -15.70 -1.12 5.63
N TYR A 206 -16.95 -1.40 5.25
CA TYR A 206 -18.09 -0.73 5.83
C TYR A 206 -18.22 -1.05 7.33
N GLU A 207 -17.98 -2.31 7.68
CA GLU A 207 -18.01 -2.73 9.09
C GLU A 207 -17.00 -1.94 9.93
N ALA A 208 -15.75 -1.86 9.45
CA ALA A 208 -14.68 -1.15 10.15
C ALA A 208 -14.99 0.34 10.27
N ALA A 209 -15.51 0.93 9.20
CA ALA A 209 -15.91 2.34 9.20
C ALA A 209 -17.02 2.65 10.20
N ASN A 210 -17.72 1.62 10.66
CA ASN A 210 -18.78 1.78 11.66
C ASN A 210 -18.47 1.21 13.05
N ALA A 211 -17.22 0.83 13.25
CA ALA A 211 -16.78 0.22 14.51
C ALA A 211 -16.10 1.24 15.43
N SER A 212 -16.16 0.98 16.75
CA SER A 212 -15.45 1.82 17.73
C SER A 212 -15.83 3.30 17.69
N GLY A 213 -17.10 3.57 17.37
CA GLY A 213 -17.60 4.95 17.34
C GLY A 213 -17.45 5.64 16.00
N SER A 214 -16.81 4.95 15.05
CA SER A 214 -16.63 5.54 13.72
C SER A 214 -17.93 5.51 12.89
N THR A 215 -18.00 6.40 11.92
CA THR A 215 -19.00 6.32 10.83
C THR A 215 -18.27 6.56 9.51
N VAL A 216 -18.97 6.34 8.39
CA VAL A 216 -18.38 6.57 7.07
C VAL A 216 -17.90 8.02 6.86
N ASP A 217 -18.39 8.94 7.69
CA ASP A 217 -18.00 10.34 7.55
C ASP A 217 -16.57 10.63 8.01
N TYR A 218 -15.91 9.64 8.59
CA TYR A 218 -14.49 9.78 8.92
C TYR A 218 -13.57 9.28 7.80
N VAL A 219 -14.18 8.82 6.70
CA VAL A 219 -13.42 8.17 5.64
C VAL A 219 -13.39 9.05 4.40
N HIS A 220 -12.20 9.57 4.10
CA HIS A 220 -12.03 10.45 2.98
C HIS A 220 -11.87 9.71 1.66
N GLY A 221 -11.38 8.48 1.75
CA GLY A 221 -11.27 7.66 0.57
C GLY A 221 -10.57 6.35 0.87
N PHE A 222 -10.04 5.75 -0.20
CA PHE A 222 -9.43 4.44 -0.14
C PHE A 222 -8.16 4.44 -0.96
N ILE A 223 -7.22 3.57 -0.58
CA ILE A 223 -5.97 3.44 -1.33
C ILE A 223 -5.71 2.00 -1.74
N SER A 224 -5.32 1.81 -3.00
CA SER A 224 -4.98 0.48 -3.51
CA SER A 224 -4.99 0.49 -3.51
C SER A 224 -3.51 0.39 -3.86
N ASN A 225 -3.01 -0.84 -3.95
CA ASN A 225 -1.66 -1.13 -4.43
C ASN A 225 -0.52 -0.74 -3.47
N THR A 226 -0.84 -0.47 -2.20
CA THR A 226 0.19 -0.04 -1.25
C THR A 226 1.22 -1.15 -1.09
N ALA A 227 2.47 -0.79 -1.33
CA ALA A 227 3.60 -1.73 -1.26
C ALA A 227 3.45 -2.92 -2.21
N ASN A 228 2.65 -2.75 -3.26
CA ASN A 228 2.54 -3.78 -4.29
C ASN A 228 2.95 -3.25 -5.67
N TYR A 229 2.73 -4.05 -6.70
CA TYR A 229 3.33 -3.84 -8.03
C TYR A 229 2.30 -3.92 -9.17
N SER A 230 1.02 -3.99 -8.84
CA SER A 230 0.01 -4.15 -9.88
C SER A 230 -0.03 -2.92 -10.77
N ALA A 231 -0.17 -3.15 -12.08
CA ALA A 231 -0.14 -2.07 -13.07
C ALA A 231 -1.30 -1.11 -12.85
N THR A 232 -1.03 0.19 -13.00
CA THR A 232 -2.12 1.17 -12.98
C THR A 232 -3.08 0.92 -14.12
N VAL A 233 -2.54 0.86 -15.33
CA VAL A 233 -3.29 0.55 -16.54
C VAL A 233 -2.50 -0.46 -17.34
N GLU A 234 -3.17 -1.50 -17.82
CA GLU A 234 -2.58 -2.40 -18.80
C GLU A 234 -3.02 -1.88 -20.18
N PRO A 235 -2.09 -1.26 -20.93
CA PRO A 235 -2.49 -0.58 -22.16
C PRO A 235 -2.83 -1.51 -23.33
N TYR A 236 -2.29 -2.73 -23.30
CA TYR A 236 -2.46 -3.67 -24.41
C TYR A 236 -3.25 -4.91 -23.99
N LEU A 237 -3.96 -4.80 -22.86
CA LEU A 237 -4.69 -5.93 -22.29
C LEU A 237 -6.09 -5.51 -21.88
N ASP A 238 -7.09 -6.14 -22.48
CA ASP A 238 -8.50 -5.86 -22.17
C ASP A 238 -9.10 -7.06 -21.43
N VAL A 239 -9.51 -6.83 -20.18
CA VAL A 239 -10.05 -7.90 -19.33
C VAL A 239 -11.31 -8.53 -19.94
N ASN A 240 -12.11 -7.71 -20.62
CA ASN A 240 -13.32 -8.17 -21.30
C ASN A 240 -13.02 -8.76 -22.67
N GLY A 241 -11.85 -8.42 -23.20
CA GLY A 241 -11.44 -8.81 -24.55
C GLY A 241 -11.33 -10.30 -24.79
N THR A 242 -11.14 -10.65 -26.07
CA THR A 242 -10.99 -12.04 -26.48
C THR A 242 -9.83 -12.18 -27.47
N VAL A 243 -9.13 -13.30 -27.37
CA VAL A 243 -8.09 -13.64 -28.34
C VAL A 243 -8.50 -14.94 -29.04
N ASN A 244 -8.74 -14.84 -30.35
CA ASN A 244 -9.16 -15.98 -31.17
C ASN A 244 -10.44 -16.63 -30.59
N GLY A 245 -11.43 -15.79 -30.32
CA GLY A 245 -12.72 -16.22 -29.76
C GLY A 245 -12.67 -16.71 -28.32
N GLN A 246 -11.52 -16.54 -27.66
CA GLN A 246 -11.32 -17.03 -26.30
CA GLN A 246 -11.31 -17.02 -26.30
C GLN A 246 -11.13 -15.87 -25.32
N LEU A 247 -11.74 -15.98 -24.15
CA LEU A 247 -11.71 -14.92 -23.13
C LEU A 247 -10.32 -14.70 -22.52
N ILE A 248 -9.96 -13.42 -22.39
CA ILE A 248 -8.74 -13.01 -21.68
C ILE A 248 -8.75 -13.54 -20.24
N ARG A 249 -9.93 -13.54 -19.62
CA ARG A 249 -10.12 -14.05 -18.25
C ARG A 249 -9.75 -15.53 -18.06
N GLN A 250 -9.70 -16.28 -19.16
CA GLN A 250 -9.33 -17.71 -19.11
C GLN A 250 -7.83 -17.93 -19.03
N SER A 251 -7.05 -16.89 -19.32
CA SER A 251 -5.59 -16.99 -19.26
C SER A 251 -5.08 -17.31 -17.85
N LYS A 252 -3.89 -17.88 -17.79
CA LYS A 252 -3.26 -18.22 -16.51
C LYS A 252 -2.95 -16.99 -15.67
N TRP A 253 -2.62 -15.88 -16.32
CA TRP A 253 -2.31 -14.64 -15.62
C TRP A 253 -3.54 -14.00 -15.00
N VAL A 254 -4.61 -13.89 -15.78
CA VAL A 254 -5.84 -13.23 -15.31
C VAL A 254 -6.60 -14.16 -14.37
N ASP A 255 -6.70 -15.43 -14.75
CA ASP A 255 -7.27 -16.48 -13.88
C ASP A 255 -8.62 -16.11 -13.26
N TRP A 256 -9.54 -15.67 -14.12
CA TRP A 256 -10.93 -15.34 -13.77
C TRP A 256 -11.12 -14.10 -12.90
N ASN A 257 -10.05 -13.32 -12.73
CA ASN A 257 -10.14 -12.02 -12.07
C ASN A 257 -11.06 -11.10 -12.88
N GLN A 258 -11.79 -10.24 -12.19
CA GLN A 258 -12.64 -9.25 -12.87
C GLN A 258 -11.83 -8.10 -13.46
N TYR A 259 -10.57 -7.97 -13.03
CA TYR A 259 -9.72 -6.83 -13.40
C TYR A 259 -8.32 -7.27 -13.76
N VAL A 260 -7.64 -6.49 -14.61
CA VAL A 260 -6.23 -6.75 -14.94
C VAL A 260 -5.32 -5.59 -14.52
N ASP A 261 -5.93 -4.53 -13.98
CA ASP A 261 -5.15 -3.37 -13.54
C ASP A 261 -5.81 -2.63 -12.39
N GLU A 262 -5.05 -1.73 -11.79
CA GLU A 262 -5.51 -1.01 -10.62
C GLU A 262 -6.58 0.04 -10.91
N LEU A 263 -6.46 0.74 -12.04
CA LEU A 263 -7.39 1.84 -12.31
C LEU A 263 -8.84 1.37 -12.44
N SER A 264 -9.07 0.37 -13.29
CA SER A 264 -10.43 -0.15 -13.47
C SER A 264 -10.97 -0.71 -12.15
N PHE A 265 -10.08 -1.37 -11.40
CA PHE A 265 -10.42 -1.91 -10.08
C PHE A 265 -10.89 -0.81 -9.11
N VAL A 266 -10.10 0.25 -8.94
CA VAL A 266 -10.48 1.27 -7.96
C VAL A 266 -11.70 2.07 -8.37
N GLN A 267 -11.90 2.21 -9.68
CA GLN A 267 -13.05 2.97 -10.19
C GLN A 267 -14.34 2.22 -9.91
N ASP A 268 -14.32 0.92 -10.15
CA ASP A 268 -15.44 0.06 -9.79
C ASP A 268 -15.61 -0.05 -8.29
N LEU A 269 -14.49 -0.20 -7.56
CA LEU A 269 -14.54 -0.29 -6.11
C LEU A 269 -15.17 0.96 -5.51
N ARG A 270 -14.79 2.13 -6.04
CA ARG A 270 -15.36 3.40 -5.61
C ARG A 270 -16.88 3.39 -5.72
N GLN A 271 -17.38 2.93 -6.87
CA GLN A 271 -18.83 2.87 -7.09
C GLN A 271 -19.52 1.91 -6.12
N ALA A 272 -18.89 0.77 -5.87
CA ALA A 272 -19.44 -0.24 -4.96
C ALA A 272 -19.48 0.30 -3.53
N LEU A 273 -18.43 1.02 -3.14
CA LEU A 273 -18.34 1.60 -1.80
C LEU A 273 -19.39 2.68 -1.56
N ILE A 274 -19.64 3.50 -2.58
CA ILE A 274 -20.69 4.51 -2.51
C ILE A 274 -22.07 3.83 -2.41
N ALA A 275 -22.26 2.77 -3.19
CA ALA A 275 -23.52 2.00 -3.15
C ALA A 275 -23.76 1.39 -1.76
N LYS A 276 -22.69 0.98 -1.10
CA LYS A 276 -22.76 0.39 0.25
C LYS A 276 -23.08 1.43 1.34
N GLY A 277 -22.75 2.69 1.08
CA GLY A 277 -23.05 3.75 2.04
C GLY A 277 -21.92 4.71 2.37
N PHE A 278 -20.76 4.54 1.74
CA PHE A 278 -19.69 5.54 1.88
C PHE A 278 -20.08 6.83 1.16
N ARG A 279 -19.43 7.94 1.52
CA ARG A 279 -19.75 9.25 0.95
C ARG A 279 -19.56 9.27 -0.55
N SER A 280 -20.46 9.95 -1.26
CA SER A 280 -20.37 10.03 -2.72
C SER A 280 -19.15 10.82 -3.20
N ASP A 281 -18.53 11.59 -2.30
CA ASP A 281 -17.34 12.35 -2.64
C ASP A 281 -16.02 11.69 -2.24
N ILE A 282 -16.06 10.40 -1.90
CA ILE A 282 -14.80 9.68 -1.66
C ILE A 282 -13.94 9.67 -2.92
N GLY A 283 -12.63 9.61 -2.73
CA GLY A 283 -11.69 9.56 -3.84
C GLY A 283 -10.71 8.43 -3.59
N MET A 284 -10.12 7.90 -4.64
CA MET A 284 -9.22 6.76 -4.51
C MET A 284 -7.77 7.19 -4.68
N LEU A 285 -6.88 6.48 -4.00
CA LEU A 285 -5.44 6.62 -4.23
C LEU A 285 -4.87 5.32 -4.78
N ILE A 286 -3.87 5.44 -5.64
CA ILE A 286 -3.10 4.30 -6.08
C ILE A 286 -1.63 4.54 -5.76
N ASP A 287 -1.03 3.59 -5.05
CA ASP A 287 0.39 3.64 -4.78
C ASP A 287 1.15 3.22 -6.05
N THR A 288 1.82 4.19 -6.67
CA THR A 288 2.54 3.96 -7.92
C THR A 288 4.06 3.95 -7.70
N SER A 289 4.47 3.73 -6.45
CA SER A 289 5.88 3.75 -6.10
C SER A 289 6.71 2.75 -6.88
N ARG A 290 6.13 1.59 -7.18
CA ARG A 290 6.92 0.50 -7.76
C ARG A 290 6.21 -0.27 -8.87
N ASN A 291 5.30 0.39 -9.58
CA ASN A 291 4.48 -0.32 -10.56
C ASN A 291 4.63 0.15 -12.01
N GLY A 292 5.72 0.86 -12.31
CA GLY A 292 5.95 1.39 -13.66
C GLY A 292 6.26 0.32 -14.69
N TRP A 293 6.96 -0.73 -14.26
CA TRP A 293 7.36 -1.84 -15.13
C TRP A 293 7.99 -1.35 -16.45
N GLY A 294 8.96 -0.47 -16.32
CA GLY A 294 9.64 0.10 -17.48
C GLY A 294 10.95 -0.60 -17.77
N GLY A 295 11.77 0.03 -18.61
CA GLY A 295 13.04 -0.56 -19.00
C GLY A 295 12.89 -1.38 -20.26
N PRO A 296 14.00 -2.00 -20.72
CA PRO A 296 14.07 -2.76 -21.98
C PRO A 296 13.04 -3.90 -22.10
N ASN A 297 12.59 -4.45 -20.98
CA ASN A 297 11.65 -5.57 -21.02
C ASN A 297 10.17 -5.20 -21.17
N ARG A 298 9.87 -3.90 -21.11
CA ARG A 298 8.49 -3.42 -21.24
C ARG A 298 7.95 -3.62 -22.67
N PRO A 299 6.77 -4.26 -22.79
CA PRO A 299 6.10 -4.38 -24.09
C PRO A 299 5.85 -3.02 -24.72
N THR A 300 6.11 -2.90 -26.02
CA THR A 300 5.92 -1.64 -26.74
C THR A 300 4.60 -1.64 -27.50
N GLY A 301 3.90 -2.77 -27.46
CA GLY A 301 2.59 -2.90 -28.09
C GLY A 301 2.00 -4.27 -27.86
N PRO A 302 0.75 -4.47 -28.28
CA PRO A 302 0.08 -5.77 -28.12
C PRO A 302 0.77 -6.86 -28.93
N SER A 303 0.75 -8.09 -28.42
CA SER A 303 1.31 -9.25 -29.09
C SER A 303 0.53 -9.54 -30.39
N SER A 304 1.19 -10.19 -31.34
CA SER A 304 0.54 -10.58 -32.59
C SER A 304 0.11 -12.05 -32.57
N SER A 305 0.33 -12.72 -31.44
CA SER A 305 -0.04 -14.12 -31.26
C SER A 305 -1.56 -14.32 -31.22
N THR A 306 -2.01 -15.46 -31.75
CA THR A 306 -3.42 -15.84 -31.68
C THR A 306 -3.64 -16.91 -30.58
N ASP A 307 -2.55 -17.28 -29.91
CA ASP A 307 -2.63 -18.12 -28.72
C ASP A 307 -2.92 -17.24 -27.51
N LEU A 308 -3.84 -17.68 -26.65
CA LEU A 308 -4.32 -16.86 -25.53
C LEU A 308 -3.20 -16.45 -24.57
N ASN A 309 -2.55 -17.44 -23.97
CA ASN A 309 -1.53 -17.19 -22.94
C ASN A 309 -0.26 -16.52 -23.46
N THR A 310 0.08 -16.80 -24.72
CA THR A 310 1.20 -16.12 -25.36
C THR A 310 0.85 -14.65 -25.56
N TYR A 311 -0.36 -14.37 -26.05
CA TYR A 311 -0.78 -12.98 -26.21
C TYR A 311 -0.73 -12.26 -24.87
N VAL A 312 -1.37 -12.83 -23.86
CA VAL A 312 -1.43 -12.22 -22.52
C VAL A 312 -0.02 -11.98 -21.95
N ASP A 313 0.81 -13.02 -21.94
CA ASP A 313 2.16 -12.91 -21.37
C ASP A 313 3.11 -11.96 -22.12
N GLU A 314 2.94 -11.83 -23.43
CA GLU A 314 3.78 -10.91 -24.20
C GLU A 314 3.24 -9.47 -24.17
N SER A 315 1.96 -9.32 -23.79
CA SER A 315 1.30 -8.01 -23.84
C SER A 315 1.24 -7.29 -22.49
N ARG A 316 1.31 -8.04 -21.40
CA ARG A 316 1.17 -7.45 -20.06
C ARG A 316 2.42 -6.69 -19.61
N ILE A 317 2.21 -5.51 -19.02
CA ILE A 317 3.33 -4.73 -18.49
C ILE A 317 3.79 -5.25 -17.12
N ASP A 318 2.84 -5.70 -16.29
CA ASP A 318 3.15 -6.38 -15.03
C ASP A 318 3.78 -7.73 -15.40
N ARG A 319 5.07 -7.87 -15.14
CA ARG A 319 5.82 -9.03 -15.63
CA ARG A 319 5.88 -9.01 -15.61
C ARG A 319 6.04 -10.13 -14.58
N ARG A 320 5.31 -10.05 -13.47
CA ARG A 320 5.44 -11.06 -12.42
C ARG A 320 5.02 -12.44 -12.89
N ILE A 321 5.54 -13.48 -12.24
CA ILE A 321 5.16 -14.85 -12.58
C ILE A 321 3.69 -15.08 -12.24
N HIS A 322 3.25 -14.51 -11.12
CA HIS A 322 1.90 -14.69 -10.61
C HIS A 322 1.49 -13.41 -9.88
N PRO A 323 0.21 -13.01 -9.97
CA PRO A 323 -0.18 -11.75 -9.33
C PRO A 323 -0.04 -11.76 -7.80
N GLY A 324 0.00 -12.96 -7.22
CA GLY A 324 0.19 -13.14 -5.78
C GLY A 324 1.63 -13.01 -5.28
N ASN A 325 2.57 -12.80 -6.20
CA ASN A 325 3.98 -12.61 -5.82
C ASN A 325 4.18 -11.17 -5.36
N TRP A 326 4.22 -10.97 -4.04
CA TRP A 326 4.19 -9.63 -3.44
C TRP A 326 5.53 -9.08 -2.94
N CYS A 327 6.54 -9.92 -2.82
CA CYS A 327 7.77 -9.52 -2.13
C CYS A 327 8.94 -9.17 -3.04
N ASN A 328 9.49 -7.97 -2.85
CA ASN A 328 10.76 -7.55 -3.48
C ASN A 328 10.87 -8.03 -4.93
N GLN A 329 9.89 -7.63 -5.73
CA GLN A 329 9.68 -8.27 -7.01
C GLN A 329 10.74 -7.90 -8.05
N ALA A 330 11.40 -8.94 -8.56
CA ALA A 330 12.49 -8.77 -9.52
C ALA A 330 12.00 -8.11 -10.80
N GLY A 331 12.77 -7.12 -11.28
CA GLY A 331 12.45 -6.41 -12.52
C GLY A 331 11.51 -5.21 -12.38
N ALA A 332 11.00 -4.97 -11.17
CA ALA A 332 10.09 -3.83 -10.94
C ALA A 332 10.76 -2.47 -11.20
N GLY A 333 9.95 -1.49 -11.57
CA GLY A 333 10.44 -0.12 -11.74
C GLY A 333 9.53 0.90 -11.07
N LEU A 334 10.10 2.05 -10.75
CA LEU A 334 9.30 3.18 -10.26
C LEU A 334 8.15 3.44 -11.21
N GLY A 335 6.98 3.75 -10.64
CA GLY A 335 5.83 4.13 -11.44
C GLY A 335 5.70 5.63 -11.59
N GLU A 336 4.51 6.05 -11.98
CA GLU A 336 4.18 7.48 -12.10
C GLU A 336 4.54 8.21 -10.82
N ARG A 337 5.17 9.38 -10.96
CA ARG A 337 5.47 10.19 -9.80
C ARG A 337 4.17 10.75 -9.23
N PRO A 338 4.16 11.13 -7.94
CA PRO A 338 2.91 11.61 -7.33
C PRO A 338 2.24 12.70 -8.18
N THR A 339 0.94 12.51 -8.41
CA THR A 339 0.19 13.29 -9.40
C THR A 339 -1.23 13.49 -8.88
N VAL A 340 -1.71 14.74 -8.92
CA VAL A 340 -3.09 15.07 -8.50
C VAL A 340 -4.14 14.68 -9.55
N ASN A 341 -5.22 14.04 -9.07
CA ASN A 341 -6.40 13.67 -9.88
C ASN A 341 -6.08 13.21 -11.33
N PRO A 342 -5.33 12.11 -11.45
CA PRO A 342 -4.86 11.66 -12.76
C PRO A 342 -5.94 10.97 -13.60
N ALA A 343 -7.05 10.59 -12.98
CA ALA A 343 -8.06 9.77 -13.62
C ALA A 343 -9.38 9.93 -12.87
N PRO A 344 -10.52 9.64 -13.55
CA PRO A 344 -11.83 9.72 -12.89
C PRO A 344 -11.89 8.97 -11.57
N GLY A 345 -12.28 9.67 -10.50
CA GLY A 345 -12.46 9.06 -9.18
C GLY A 345 -11.19 8.88 -8.37
N VAL A 346 -10.06 9.25 -8.96
CA VAL A 346 -8.75 9.07 -8.32
C VAL A 346 -8.20 10.41 -7.82
N ASP A 347 -8.09 10.54 -6.49
CA ASP A 347 -7.57 11.76 -5.87
C ASP A 347 -6.12 12.02 -6.26
N ALA A 348 -5.31 10.95 -6.32
CA ALA A 348 -3.88 11.06 -6.62
C ALA A 348 -3.23 9.71 -6.87
N TYR A 349 -2.20 9.72 -7.70
CA TYR A 349 -1.18 8.68 -7.62
C TYR A 349 -0.19 9.14 -6.57
N VAL A 350 0.22 8.22 -5.70
CA VAL A 350 1.10 8.55 -4.59
C VAL A 350 2.19 7.51 -4.46
N TRP A 351 3.27 7.89 -3.78
CA TRP A 351 4.32 6.95 -3.38
C TRP A 351 4.18 6.73 -1.88
N VAL A 352 3.55 5.61 -1.52
CA VAL A 352 3.29 5.33 -0.11
C VAL A 352 4.39 4.43 0.43
N LYS A 353 4.56 3.26 -0.20
CA LYS A 353 5.76 2.46 0.07
C LYS A 353 6.96 3.25 -0.47
N PRO A 354 7.93 3.56 0.40
CA PRO A 354 9.06 4.36 -0.08
C PRO A 354 10.04 3.50 -0.90
N PRO A 355 10.29 3.88 -2.17
CA PRO A 355 11.17 3.08 -3.02
C PRO A 355 12.55 2.86 -2.40
N GLY A 356 13.02 1.61 -2.41
CA GLY A 356 14.29 1.26 -1.79
C GLY A 356 14.14 0.58 -0.43
N GLU A 357 12.98 0.75 0.20
CA GLU A 357 12.72 0.02 1.45
C GLU A 357 12.19 -1.39 1.18
N SER A 358 12.85 -2.38 1.78
CA SER A 358 12.56 -3.80 1.51
C SER A 358 11.14 -4.22 1.93
N ASP A 359 10.62 -5.25 1.26
CA ASP A 359 9.35 -5.87 1.64
C ASP A 359 9.52 -6.98 2.67
N GLY A 360 10.77 -7.38 2.89
CA GLY A 360 11.05 -8.48 3.82
C GLY A 360 12.36 -9.16 3.52
N ALA A 361 12.92 -9.81 4.54
CA ALA A 361 14.24 -10.46 4.42
C ALA A 361 14.18 -11.75 3.62
N SER A 362 15.24 -12.00 2.86
CA SER A 362 15.34 -13.19 2.03
C SER A 362 15.88 -14.39 2.82
N GLU A 363 16.19 -14.18 4.10
CA GLU A 363 16.67 -15.23 4.99
C GLU A 363 16.36 -14.85 6.44
N GLU A 364 16.74 -15.71 7.38
CA GLU A 364 16.60 -15.40 8.80
C GLU A 364 17.56 -14.31 9.20
N ILE A 365 17.02 -13.21 9.72
CA ILE A 365 17.82 -12.12 10.27
C ILE A 365 17.25 -11.71 11.63
N PRO A 366 18.05 -11.88 12.70
CA PRO A 366 17.57 -11.56 14.05
C PRO A 366 17.21 -10.09 14.15
N ASN A 367 16.09 -9.82 14.82
CA ASN A 367 15.61 -8.45 14.97
C ASN A 367 14.68 -8.33 16.17
N ASP A 368 14.45 -7.09 16.61
CA ASP A 368 13.55 -6.79 17.72
C ASP A 368 12.26 -6.12 17.26
N GLU A 369 11.94 -6.26 15.96
CA GLU A 369 10.79 -5.61 15.35
C GLU A 369 9.54 -6.49 15.34
N GLY A 370 9.70 -7.75 15.75
CA GLY A 370 8.62 -8.72 15.71
C GLY A 370 8.47 -9.41 14.35
N LYS A 371 9.47 -9.24 13.50
CA LYS A 371 9.38 -9.71 12.11
C LYS A 371 10.03 -11.07 11.89
N GLY A 372 9.36 -11.92 11.12
CA GLY A 372 9.86 -13.26 10.83
C GLY A 372 10.34 -13.42 9.40
N PHE A 373 10.81 -14.61 9.07
CA PHE A 373 11.29 -14.91 7.74
C PHE A 373 10.16 -15.55 6.91
N ASP A 374 9.64 -14.77 5.97
CA ASP A 374 8.58 -15.23 5.09
C ASP A 374 9.21 -15.74 3.81
N ARG A 375 8.88 -16.97 3.44
CA ARG A 375 9.51 -17.58 2.27
C ARG A 375 9.06 -16.97 0.93
N MET A 376 8.00 -16.15 0.95
CA MET A 376 7.63 -15.40 -0.25
C MET A 376 8.69 -14.35 -0.60
N CYS A 377 9.62 -14.11 0.33
CA CYS A 377 10.72 -13.17 0.14
C CYS A 377 12.03 -13.90 -0.15
N ASP A 378 11.95 -15.23 -0.16
CA ASP A 378 13.05 -16.13 -0.48
C ASP A 378 13.01 -16.41 -1.99
N PRO A 379 14.04 -15.99 -2.73
CA PRO A 379 14.05 -16.20 -4.19
C PRO A 379 13.88 -17.67 -4.59
N THR A 380 14.38 -18.57 -3.73
CA THR A 380 14.42 -20.01 -4.03
C THR A 380 13.11 -20.72 -3.70
N TYR A 381 12.20 -20.02 -3.03
CA TYR A 381 10.91 -20.59 -2.64
C TYR A 381 10.06 -20.95 -3.86
N GLN A 382 9.50 -22.16 -3.84
CA GLN A 382 8.73 -22.67 -4.96
C GLN A 382 7.24 -22.43 -4.80
N GLY A 383 6.87 -21.63 -3.81
CA GLY A 383 5.51 -21.15 -3.67
C GLY A 383 4.54 -22.10 -3.00
N ASN A 384 3.26 -21.78 -3.16
CA ASN A 384 2.17 -22.50 -2.50
C ASN A 384 0.89 -22.35 -3.32
N ALA A 385 -0.19 -23.06 -3.01
N ALA A 385 -0.07 -23.20 -2.98
CA ALA A 385 -1.43 -22.99 -3.85
CA ALA A 385 -1.47 -22.94 -3.24
C ALA A 385 -1.82 -21.58 -4.36
C ALA A 385 -1.69 -21.58 -2.63
N ARG A 386 -2.31 -20.74 -3.45
CA ARG A 386 -2.33 -19.24 -3.46
C ARG A 386 -1.52 -18.50 -4.54
N ASN A 387 -0.20 -18.68 -4.59
CA ASN A 387 0.61 -18.07 -5.67
C ASN A 387 0.75 -18.97 -6.90
N GLY A 388 -0.11 -19.98 -6.97
CA GLY A 388 -0.12 -20.94 -8.08
C GLY A 388 1.05 -21.91 -8.07
N ASN A 389 1.59 -22.18 -6.88
CA ASN A 389 2.80 -23.02 -6.72
C ASN A 389 3.96 -22.59 -7.62
N ASN A 390 4.23 -21.29 -7.62
CA ASN A 390 5.23 -20.69 -8.48
C ASN A 390 6.45 -20.20 -7.70
N PRO A 391 7.61 -20.06 -8.36
CA PRO A 391 8.72 -19.34 -7.72
C PRO A 391 8.26 -17.97 -7.23
N SER A 392 8.88 -17.48 -6.15
CA SER A 392 8.46 -16.26 -5.47
C SER A 392 8.67 -14.98 -6.30
N GLY A 393 9.66 -15.00 -7.19
CA GLY A 393 10.05 -13.80 -7.95
C GLY A 393 10.78 -12.75 -7.13
N ALA A 394 11.14 -13.07 -5.89
CA ALA A 394 11.76 -12.10 -4.98
C ALA A 394 13.25 -11.88 -5.26
N LEU A 395 13.70 -10.64 -5.10
CA LEU A 395 15.11 -10.28 -5.26
C LEU A 395 15.97 -10.94 -4.18
N PRO A 396 17.18 -11.40 -4.55
CA PRO A 396 18.05 -12.04 -3.56
C PRO A 396 18.73 -11.04 -2.62
N ASN A 397 19.21 -11.55 -1.48
CA ASN A 397 19.96 -10.77 -0.48
C ASN A 397 19.23 -9.53 0.00
N ALA A 398 17.98 -9.74 0.41
CA ALA A 398 17.10 -8.65 0.86
C ALA A 398 17.17 -8.50 2.36
N PRO A 399 17.18 -7.24 2.86
CA PRO A 399 17.17 -7.03 4.30
C PRO A 399 15.75 -7.06 4.86
N ILE A 400 15.63 -6.92 6.17
CA ILE A 400 14.34 -6.90 6.87
C ILE A 400 13.43 -5.83 6.25
N SER A 401 12.12 -6.10 6.24
CA SER A 401 11.15 -5.15 5.66
C SER A 401 11.36 -3.75 6.22
N GLY A 402 11.33 -2.76 5.34
CA GLY A 402 11.49 -1.37 5.72
C GLY A 402 12.95 -0.93 5.76
N HIS A 403 13.88 -1.89 5.80
CA HIS A 403 15.29 -1.56 5.78
C HIS A 403 15.74 -1.24 4.35
N TRP A 404 16.83 -0.47 4.25
CA TRP A 404 17.28 0.00 2.94
C TRP A 404 17.88 -1.12 2.11
N PHE A 405 17.43 -1.18 0.86
CA PHE A 405 17.75 -2.27 -0.06
C PHE A 405 18.29 -1.65 -1.33
N SER A 406 19.61 -1.42 -1.34
CA SER A 406 20.28 -0.72 -2.43
CA SER A 406 20.29 -0.72 -2.43
C SER A 406 19.97 -1.29 -3.81
N ALA A 407 20.07 -2.62 -3.92
CA ALA A 407 19.84 -3.32 -5.19
C ALA A 407 18.44 -3.05 -5.72
N GLN A 408 17.45 -3.11 -4.83
CA GLN A 408 16.08 -2.84 -5.26
C GLN A 408 15.92 -1.40 -5.69
N PHE A 409 16.47 -0.46 -4.92
CA PHE A 409 16.38 0.95 -5.32
C PHE A 409 16.95 1.19 -6.72
N ARG A 410 18.14 0.65 -6.96
CA ARG A 410 18.82 0.86 -8.24
C ARG A 410 18.05 0.28 -9.42
N GLU A 411 17.43 -0.89 -9.23
CA GLU A 411 16.62 -1.48 -10.30
C GLU A 411 15.33 -0.70 -10.52
N LEU A 412 14.69 -0.27 -9.43
CA LEU A 412 13.50 0.55 -9.54
C LEU A 412 13.79 1.81 -10.35
N LEU A 413 14.91 2.44 -10.04
CA LEU A 413 15.35 3.65 -10.73
C LEU A 413 15.57 3.37 -12.22
N ALA A 414 16.29 2.30 -12.53
CA ALA A 414 16.57 1.88 -13.91
C ALA A 414 15.29 1.63 -14.72
N ASN A 415 14.32 0.98 -14.08
CA ASN A 415 13.10 0.55 -14.75
C ASN A 415 11.91 1.49 -14.58
N ALA A 416 12.18 2.74 -14.22
CA ALA A 416 11.14 3.74 -14.05
C ALA A 416 10.29 3.89 -15.31
N TYR A 417 8.98 3.94 -15.13
CA TYR A 417 8.07 4.35 -16.21
C TYR A 417 6.93 5.22 -15.66
N PRO A 418 6.72 6.41 -16.25
CA PRO A 418 7.42 6.98 -17.40
C PRO A 418 8.90 7.25 -17.11
N PRO A 419 9.74 7.29 -18.16
CA PRO A 419 11.17 7.55 -17.99
C PRO A 419 11.44 8.84 -17.24
N LEU A 420 12.52 8.86 -16.46
CA LEU A 420 12.94 10.05 -15.72
C LEU A 420 13.70 11.02 -16.63
C2 BGC B . -7.54 -18.11 -8.12
C3 BGC B . -6.91 -17.63 -6.82
C4 BGC B . -7.80 -16.64 -6.06
C5 BGC B . -9.25 -17.13 -6.02
C6 BGC B . -10.19 -16.09 -5.44
C1 BGC B . -8.98 -18.55 -7.90
O1 BGC B . -9.57 -18.88 -9.14
O2 BGC B . -6.77 -19.18 -8.62
O3 BGC B . -5.65 -17.02 -7.11
O4 BGC B . -7.36 -16.53 -4.72
O5 BGC B . -9.70 -17.47 -7.32
O6 BGC B . -11.40 -16.71 -5.10
C2 BGC B . -6.64 -15.03 -2.98
C3 BGC B . -5.88 -13.75 -2.65
C4 BGC B . -4.53 -13.69 -3.38
C5 BGC B . -4.71 -14.04 -4.86
C6 BGC B . -3.39 -14.13 -5.63
C1 BGC B . -6.71 -15.27 -4.48
O2 BGC B . -7.96 -14.94 -2.46
O3 BGC B . -5.67 -13.65 -1.25
O4 BGC B . -4.05 -12.37 -3.30
O5 BGC B . -5.39 -15.27 -5.01
O6 BGC B . -2.56 -15.11 -5.05
C2 BGC B . -2.33 -10.86 -2.82
C3 BGC B . -1.10 -10.55 -1.98
C4 BGC B . -1.39 -10.76 -0.49
C5 BGC B . -2.01 -12.16 -0.28
C6 BGC B . -2.48 -12.36 1.15
C1 BGC B . -2.85 -12.26 -2.53
O2 BGC B . -2.00 -10.74 -4.19
O3 BGC B . -0.73 -9.22 -2.24
O4 BGC B . -0.18 -10.72 0.21
O5 BGC B . -3.11 -12.40 -1.14
O6 BGC B . -2.62 -13.73 1.41
C2 BGC B . 1.04 -9.87 2.09
C3 BGC B . 1.48 -8.61 2.87
C4 BGC B . 1.91 -7.45 1.96
C5 BGC B . 0.84 -7.28 0.86
C6 BGC B . 1.25 -6.31 -0.23
C1 BGC B . 0.04 -9.53 1.00
O2 BGC B . 0.48 -10.86 2.94
O3 BGC B . 2.55 -8.94 3.72
O4 BGC B . 2.18 -6.22 2.70
O5 BGC B . 0.56 -8.50 0.19
O6 BGC B . 0.16 -6.15 -1.12
C2 BGC B . 4.54 -5.19 2.26
C3 BGC B . 5.74 -4.54 2.97
C4 BGC B . 5.39 -3.66 4.17
C5 BGC B . 4.06 -4.18 4.75
C6 BGC B . 2.90 -3.32 4.24
C1 BGC B . 3.59 -6.01 3.15
O2 BGC B . 5.12 -6.08 1.34
O3 BGC B . 6.49 -3.78 2.05
O4 BGC B . 6.47 -3.62 5.11
O5 BGC B . 3.78 -5.56 4.49
O6 BGC B . 2.53 -3.73 2.95
C2 BGC B . 7.54 -2.56 7.06
C3 BGC B . 7.74 -1.26 7.85
C4 BGC B . 8.17 -0.11 6.94
C5 BGC B . 7.24 -0.04 5.72
C6 BGC B . 7.69 1.00 4.70
C1 BGC B . 6.64 -2.37 5.85
O2 BGC B . 7.03 -3.53 7.94
O3 BGC B . 8.68 -1.44 8.88
O4 BGC B . 8.15 1.08 7.67
O5 BGC B . 7.19 -1.30 5.07
O6 BGC B . 8.89 0.59 4.07
CA CA C . -13.24 13.75 -1.78
C ACT D . -24.42 -7.95 -0.11
O ACT D . -23.98 -7.45 0.94
OXT ACT D . -25.40 -8.73 0.03
CH3 ACT D . -23.82 -7.67 -1.45
#